data_4D05
#
_entry.id   4D05
#
_cell.length_a   178.427
_cell.length_b   43.976
_cell.length_c   89.633
_cell.angle_alpha   90.00
_cell.angle_beta   105.92
_cell.angle_gamma   90.00
#
_symmetry.space_group_name_H-M   'C 1 2 1'
#
loop_
_entity.id
_entity.type
_entity.pdbx_description
1 polymer 'ATP-DEPENDENT DNA LIGASE'
2 non-polymer 'SULFATE ION'
3 non-polymer 'ADENOSINE MONOPHOSPHATE'
4 non-polymer 'MAGNESIUM ION'
5 water water
#
_entity_poly.entity_id   1
_entity_poly.type   'polypeptide(L)'
_entity_poly.pdbx_seq_one_letter_code
;GQPPPIQLATNYRQDIDVTQYYVSEKLDGIRAYWNGHQLISKQGNIFTAPTWFIASFPTTA(MSE)DGELWIARQQFETV
SGIARTQDNQNEQWKQIKF(MSE)IFDLPKSTVSFEQRINK(MSE)QTLVTDTNSPYLQ(MSE)IEQQKIPNTVALFDLL
NKVV(MSE)GKGEGL(MSE)LHHQDALYQTKRSRDL(MSE)KLKKFEDAEATVIAYLPGKGKYEGLLGAILVKNEEGVTF
KIGSGFSDEERSTPPPIGSLITYRFTGKTNNNIPRFASFVRIRVIY
;
_entity_poly.pdbx_strand_id   A,B
#
# COMPACT_ATOMS: atom_id res chain seq x y z
N GLY A 1 -10.19 26.60 11.79
CA GLY A 1 -11.24 26.17 12.78
C GLY A 1 -10.70 26.11 14.19
N GLN A 2 -11.60 26.14 15.17
CA GLN A 2 -11.17 26.06 16.56
C GLN A 2 -10.64 24.67 16.87
N PRO A 3 -9.48 24.59 17.54
CA PRO A 3 -9.05 23.25 17.99
C PRO A 3 -10.10 22.54 18.84
N PRO A 4 -10.22 21.24 18.65
CA PRO A 4 -11.25 20.49 19.37
C PRO A 4 -10.95 20.35 20.86
N PRO A 5 -11.99 20.09 21.66
CA PRO A 5 -11.99 20.06 23.13
C PRO A 5 -11.49 18.72 23.57
N ILE A 6 -10.17 18.56 23.50
CA ILE A 6 -9.57 17.26 23.75
C ILE A 6 -8.65 17.15 24.99
N GLN A 7 -8.58 15.94 25.52
CA GLN A 7 -7.73 15.64 26.69
C GLN A 7 -6.38 15.35 26.22
N LEU A 8 -5.37 15.83 26.95
CA LEU A 8 -3.98 15.61 26.61
C LEU A 8 -3.19 14.80 27.69
N ALA A 9 -2.22 14.03 27.19
CA ALA A 9 -1.48 13.11 28.06
C ALA A 9 -0.29 13.77 28.72
N THR A 10 0.00 13.31 29.93
CA THR A 10 1.25 13.63 30.63
C THR A 10 2.27 12.47 30.57
N ASN A 11 3.44 12.60 31.19
CA ASN A 11 4.43 11.52 31.15
C ASN A 11 4.27 10.49 32.25
N TYR A 12 4.63 9.25 31.92
CA TYR A 12 4.65 8.16 32.87
C TYR A 12 5.38 8.55 34.17
N ARG A 13 4.79 8.15 35.31
CA ARG A 13 5.36 8.32 36.64
C ARG A 13 5.55 6.97 37.32
N GLN A 14 6.74 6.73 37.89
CA GLN A 14 7.08 5.43 38.48
C GLN A 14 6.21 5.00 39.64
N ASP A 15 5.71 5.97 40.40
CA ASP A 15 5.09 5.61 41.66
C ASP A 15 3.57 5.44 41.55
N ILE A 16 3.07 5.13 40.38
CA ILE A 16 1.63 4.87 40.25
C ILE A 16 1.29 3.45 40.72
N ASP A 17 0.01 3.20 40.94
CA ASP A 17 -0.46 1.84 41.13
C ASP A 17 -0.91 1.40 39.75
N VAL A 18 -0.04 0.67 39.06
CA VAL A 18 -0.30 0.29 37.67
C VAL A 18 -1.60 -0.50 37.51
N THR A 19 -2.08 -1.17 38.56
CA THR A 19 -3.30 -1.98 38.44
C THR A 19 -4.55 -1.14 38.26
N GLN A 20 -4.43 0.17 38.43
CA GLN A 20 -5.59 1.04 38.29
C GLN A 20 -5.70 1.60 36.88
N TYR A 21 -4.74 1.27 36.02
CA TYR A 21 -4.72 1.86 34.67
C TYR A 21 -5.00 0.87 33.57
N TYR A 22 -5.79 1.31 32.60
CA TYR A 22 -5.91 0.59 31.35
C TYR A 22 -4.73 0.94 30.44
N VAL A 23 -4.14 -0.10 29.86
CA VAL A 23 -2.94 0.04 29.06
C VAL A 23 -3.25 -0.30 27.62
N SER A 24 -2.81 0.58 26.71
CA SER A 24 -3.05 0.41 25.30
C SER A 24 -1.79 0.77 24.53
N GLU A 25 -1.74 0.35 23.28
CA GLU A 25 -0.60 0.71 22.40
C GLU A 25 -0.71 2.16 21.94
N LYS A 26 0.38 2.89 22.12
CA LYS A 26 0.49 4.25 21.59
C LYS A 26 0.64 4.15 20.07
N LEU A 27 -0.31 4.70 19.32
CA LEU A 27 -0.28 4.56 17.86
C LEU A 27 0.26 5.84 17.23
N ASP A 28 1.12 5.67 16.23
CA ASP A 28 1.73 6.80 15.52
C ASP A 28 0.87 7.08 14.28
N GLY A 29 -0.20 7.83 14.51
CA GLY A 29 -1.09 8.24 13.44
C GLY A 29 -1.40 9.71 13.48
N ILE A 30 -2.57 10.07 12.96
CA ILE A 30 -3.03 11.44 12.98
C ILE A 30 -4.25 11.50 13.87
N ARG A 31 -4.18 12.32 14.93
CA ARG A 31 -5.30 12.40 15.83
C ARG A 31 -6.51 13.03 15.15
N ALA A 32 -7.69 12.51 15.45
CA ALA A 32 -8.92 13.07 14.92
C ALA A 32 -9.99 13.06 16.00
N TYR A 33 -10.78 14.12 16.05
CA TYR A 33 -11.92 14.25 16.92
C TYR A 33 -13.16 14.17 16.05
N TRP A 34 -14.00 13.18 16.36
CA TRP A 34 -15.30 13.03 15.72
C TRP A 34 -16.34 13.73 16.54
N ASN A 35 -16.97 14.74 15.95
CA ASN A 35 -17.89 15.54 16.72
C ASN A 35 -19.33 15.09 16.58
N GLY A 36 -19.54 13.96 15.91
CA GLY A 36 -20.87 13.46 15.61
C GLY A 36 -21.26 13.53 14.15
N HIS A 37 -20.54 14.33 13.38
CA HIS A 37 -20.79 14.40 11.93
C HIS A 37 -19.57 14.63 11.04
N GLN A 38 -18.42 14.98 11.64
CA GLN A 38 -17.20 15.22 10.87
C GLN A 38 -15.99 14.93 11.77
N LEU A 39 -14.86 14.69 11.12
CA LEU A 39 -13.58 14.46 11.79
C LEU A 39 -12.75 15.75 11.75
N ILE A 40 -12.20 16.10 12.90
CA ILE A 40 -11.47 17.35 13.08
C ILE A 40 -10.06 17.10 13.60
N SER A 41 -9.08 17.78 13.00
CA SER A 41 -7.67 17.61 13.41
C SER A 41 -7.37 18.37 14.68
N LYS A 42 -6.20 18.09 15.28
CA LYS A 42 -5.85 18.77 16.52
C LYS A 42 -5.76 20.29 16.36
N GLN A 43 -5.49 20.73 15.13
CA GLN A 43 -5.37 22.13 14.81
C GLN A 43 -6.69 22.78 14.45
N GLY A 44 -7.75 21.98 14.41
CA GLY A 44 -9.07 22.50 14.08
C GLY A 44 -9.49 22.39 12.63
N ASN A 45 -8.73 21.68 11.81
CA ASN A 45 -9.09 21.50 10.41
C ASN A 45 -10.11 20.37 10.27
N ILE A 46 -11.12 20.57 9.44
CA ILE A 46 -12.05 19.50 9.16
C ILE A 46 -11.44 18.61 8.07
N PHE A 47 -11.17 17.34 8.40
CA PHE A 47 -10.66 16.40 7.39
C PHE A 47 -11.67 16.20 6.27
N THR A 48 -11.18 16.01 5.05
CA THR A 48 -12.10 15.72 3.95
C THR A 48 -12.35 14.21 3.89
N ALA A 49 -12.92 13.66 4.96
CA ALA A 49 -13.16 12.22 5.01
C ALA A 49 -14.29 11.89 4.06
N PRO A 50 -14.07 10.92 3.17
CA PRO A 50 -15.18 10.55 2.28
C PRO A 50 -16.44 10.10 3.02
N THR A 51 -17.59 10.33 2.38
CA THR A 51 -18.87 9.98 2.97
C THR A 51 -18.93 8.51 3.36
N TRP A 52 -18.46 7.63 2.50
CA TRP A 52 -18.50 6.19 2.77
C TRP A 52 -17.60 5.80 3.95
N PHE A 53 -16.61 6.62 4.26
CA PHE A 53 -15.72 6.32 5.39
C PHE A 53 -16.45 6.56 6.72
N ILE A 54 -17.23 7.63 6.80
CA ILE A 54 -17.87 8.02 8.06
C ILE A 54 -19.35 7.65 8.13
N ALA A 55 -19.93 7.17 7.03
CA ALA A 55 -21.37 6.99 6.95
C ALA A 55 -22.02 6.17 8.07
N SER A 56 -21.34 5.14 8.55
N SER A 56 -21.32 5.14 8.52
CA SER A 56 -21.97 4.29 9.57
CA SER A 56 -21.86 4.25 9.54
C SER A 56 -21.59 4.68 10.99
C SER A 56 -21.67 4.74 10.97
N PHE A 57 -20.82 5.74 11.16
CA PHE A 57 -20.40 6.14 12.49
C PHE A 57 -21.58 6.60 13.33
N PRO A 58 -21.57 6.28 14.62
CA PRO A 58 -22.59 6.79 15.55
C PRO A 58 -22.38 8.29 15.80
N THR A 59 -23.38 8.97 16.34
CA THR A 59 -23.26 10.41 16.53
C THR A 59 -22.58 10.75 17.87
N THR A 60 -22.30 9.72 18.67
CA THR A 60 -21.53 9.91 19.90
C THR A 60 -20.17 10.50 19.53
N ALA A 61 -19.75 11.57 20.21
CA ALA A 61 -18.41 12.11 19.94
C ALA A 61 -17.34 11.11 20.33
N ASP A 63 -12.88 10.29 20.27
N ASP A 63 -12.84 10.28 20.23
CA ASP A 63 -11.45 10.55 20.10
CA ASP A 63 -11.45 10.66 20.06
C ASP A 63 -10.80 9.35 19.46
C ASP A 63 -10.68 9.44 19.59
N GLY A 64 -9.86 9.57 18.54
CA GLY A 64 -9.12 8.45 18.03
C GLY A 64 -7.94 8.85 17.18
N GLU A 65 -7.30 7.84 16.64
CA GLU A 65 -6.15 8.04 15.75
C GLU A 65 -6.51 7.51 14.37
N LEU A 66 -6.35 8.31 13.33
CA LEU A 66 -6.41 7.78 11.96
C LEU A 66 -5.09 7.04 11.78
N TRP A 67 -5.17 5.76 11.42
CA TRP A 67 -3.99 4.91 11.43
C TRP A 67 -4.20 3.73 10.50
N ILE A 68 -3.12 3.33 9.85
CA ILE A 68 -3.16 2.19 8.94
C ILE A 68 -2.52 0.96 9.56
N ALA A 69 -1.29 1.13 9.99
CA ALA A 69 -0.51 0.02 10.61
C ALA A 69 0.71 0.62 11.28
N ARG A 70 1.44 -0.19 12.05
CA ARG A 70 2.69 0.29 12.58
C ARG A 70 3.58 0.68 11.39
N GLN A 71 4.40 1.70 11.59
N GLN A 71 4.38 1.72 11.62
CA GLN A 71 5.39 2.08 10.60
CA GLN A 71 5.36 2.21 10.66
C GLN A 71 4.80 2.70 9.34
C GLN A 71 4.75 2.59 9.34
N GLN A 72 3.54 3.17 9.40
CA GLN A 72 2.92 3.78 8.21
C GLN A 72 2.44 5.18 8.49
N PHE A 73 3.20 5.90 9.30
CA PHE A 73 2.81 7.25 9.63
C PHE A 73 2.80 8.18 8.41
N GLU A 74 3.89 8.26 7.66
CA GLU A 74 3.90 9.21 6.55
C GLU A 74 2.77 8.88 5.56
N THR A 75 2.46 7.61 5.36
CA THR A 75 1.36 7.26 4.48
C THR A 75 0.03 7.81 4.97
N VAL A 76 -0.30 7.54 6.24
CA VAL A 76 -1.58 8.05 6.74
C VAL A 76 -1.64 9.56 6.80
N SER A 77 -0.55 10.20 7.18
CA SER A 77 -0.45 11.65 7.22
C SER A 77 -0.64 12.25 5.82
N GLY A 78 -0.04 11.62 4.81
CA GLY A 78 -0.17 12.11 3.45
C GLY A 78 -1.60 12.03 2.94
N ILE A 79 -2.31 10.98 3.30
CA ILE A 79 -3.70 10.87 2.91
C ILE A 79 -4.54 11.90 3.65
N ALA A 80 -4.38 11.98 4.96
CA ALA A 80 -5.21 12.85 5.78
C ALA A 80 -5.05 14.32 5.44
N ARG A 81 -3.86 14.71 4.91
CA ARG A 81 -3.56 16.08 4.46
C ARG A 81 -4.18 16.39 3.11
N THR A 82 -4.54 15.35 2.36
CA THR A 82 -5.08 15.57 1.02
C THR A 82 -6.50 16.11 1.09
N GLN A 83 -6.74 17.25 0.45
CA GLN A 83 -8.06 17.88 0.44
C GLN A 83 -8.85 17.30 -0.76
N ASP A 84 -9.62 16.26 -0.48
CA ASP A 84 -10.37 15.55 -1.50
C ASP A 84 -11.30 14.56 -0.83
N ASN A 85 -12.60 14.85 -0.87
CA ASN A 85 -13.52 13.99 -0.15
C ASN A 85 -13.94 12.78 -0.98
N GLN A 86 -13.30 12.59 -2.12
CA GLN A 86 -13.56 11.37 -2.90
C GLN A 86 -12.28 10.58 -3.07
N ASN A 87 -11.37 10.73 -2.11
CA ASN A 87 -10.08 10.07 -2.18
C ASN A 87 -10.15 8.62 -1.73
N GLU A 88 -9.99 7.70 -2.67
CA GLU A 88 -10.12 6.27 -2.37
C GLU A 88 -9.10 5.75 -1.37
N GLN A 89 -8.00 6.49 -1.19
CA GLN A 89 -6.95 6.00 -0.28
C GLN A 89 -7.39 5.91 1.17
N TRP A 90 -8.49 6.59 1.52
CA TRP A 90 -9.02 6.43 2.87
C TRP A 90 -9.47 4.99 3.17
N LYS A 91 -9.63 4.17 2.14
CA LYS A 91 -10.11 2.80 2.39
C LYS A 91 -9.19 1.97 3.28
N GLN A 92 -7.91 2.31 3.31
CA GLN A 92 -6.96 1.58 4.15
C GLN A 92 -6.83 2.14 5.56
N ILE A 93 -7.43 3.30 5.80
CA ILE A 93 -7.39 3.94 7.11
C ILE A 93 -8.45 3.35 8.08
N LYS A 94 -8.09 3.25 9.35
CA LYS A 94 -9.04 2.96 10.40
C LYS A 94 -8.99 4.12 11.38
N PHE A 95 -10.17 4.55 11.82
CA PHE A 95 -10.32 5.45 12.95
C PHE A 95 -10.31 4.59 14.21
N ILE A 97 -10.32 4.28 17.94
CA ILE A 97 -10.79 5.14 19.01
C ILE A 97 -10.23 4.80 20.36
N PHE A 98 -10.05 5.84 21.17
CA PHE A 98 -9.53 5.69 22.50
C PHE A 98 -10.30 6.50 23.56
N ASP A 99 -11.24 7.35 23.18
CA ASP A 99 -12.07 7.98 24.19
C ASP A 99 -13.35 8.57 23.60
N LEU A 100 -14.21 9.00 24.52
CA LEU A 100 -15.54 9.59 24.25
C LEU A 100 -15.57 10.95 24.96
N PRO A 101 -15.16 12.01 24.26
CA PRO A 101 -14.85 13.27 24.96
C PRO A 101 -16.03 14.04 25.52
N LYS A 102 -17.26 13.66 25.17
CA LYS A 102 -18.42 14.35 25.73
C LYS A 102 -19.05 13.52 26.85
N SER A 103 -18.43 12.39 27.19
CA SER A 103 -18.97 11.51 28.23
C SER A 103 -18.72 12.11 29.61
N THR A 104 -19.62 11.84 30.53
CA THR A 104 -19.47 12.33 31.91
C THR A 104 -19.26 11.21 32.92
N VAL A 105 -18.96 10.01 32.44
CA VAL A 105 -18.68 8.91 33.36
C VAL A 105 -17.19 8.52 33.32
N SER A 106 -16.82 7.58 34.16
CA SER A 106 -15.41 7.17 34.30
C SER A 106 -14.91 6.46 33.06
N PHE A 107 -13.59 6.42 32.88
CA PHE A 107 -13.03 5.83 31.67
C PHE A 107 -13.40 4.35 31.52
N GLU A 108 -13.49 3.61 32.63
CA GLU A 108 -13.92 2.23 32.56
C GLU A 108 -15.26 2.05 31.85
N GLN A 109 -16.24 2.88 32.20
CA GLN A 109 -17.54 2.82 31.50
C GLN A 109 -17.44 3.33 30.08
N ARG A 110 -16.54 4.27 29.83
CA ARG A 110 -16.37 4.73 28.47
C ARG A 110 -15.83 3.60 27.59
N ILE A 111 -14.89 2.80 28.09
CA ILE A 111 -14.41 1.65 27.33
C ILE A 111 -15.56 0.70 27.00
N ASN A 112 -16.41 0.43 27.98
CA ASN A 112 -17.52 -0.47 27.72
C ASN A 112 -18.43 0.06 26.63
N LYS A 113 -18.71 1.36 26.67
CA LYS A 113 -19.53 1.96 25.62
C LYS A 113 -18.84 1.88 24.26
N GLN A 115 -16.73 -0.28 23.14
CA GLN A 115 -16.76 -1.65 22.62
C GLN A 115 -18.09 -1.89 21.91
N THR A 116 -19.18 -1.47 22.54
CA THR A 116 -20.52 -1.58 21.94
C THR A 116 -20.66 -0.75 20.67
N LEU A 117 -20.22 0.50 20.70
CA LEU A 117 -20.30 1.36 19.53
C LEU A 117 -19.57 0.73 18.34
N VAL A 118 -18.35 0.23 18.57
CA VAL A 118 -17.58 -0.39 17.50
C VAL A 118 -18.26 -1.65 16.95
N THR A 119 -18.74 -2.51 17.85
CA THR A 119 -19.40 -3.77 17.44
C THR A 119 -20.69 -3.51 16.66
N ASP A 120 -21.47 -2.55 17.14
CA ASP A 120 -22.77 -2.21 16.51
C ASP A 120 -22.57 -1.56 15.14
N THR A 121 -21.57 -0.70 15.02
CA THR A 121 -21.28 -0.04 13.77
C THR A 121 -20.81 -1.07 12.72
N ASN A 122 -19.98 -2.03 13.15
CA ASN A 122 -19.52 -3.13 12.30
C ASN A 122 -18.93 -2.66 11.00
N SER A 123 -18.04 -1.68 11.08
CA SER A 123 -17.41 -1.12 9.90
C SER A 123 -15.90 -1.37 9.92
N PRO A 124 -15.31 -1.66 8.75
CA PRO A 124 -13.85 -1.75 8.71
C PRO A 124 -13.17 -0.44 9.13
N TYR A 125 -13.88 0.68 9.01
CA TYR A 125 -13.25 1.99 9.19
C TYR A 125 -13.26 2.46 10.65
N LEU A 126 -13.94 1.73 11.53
CA LEU A 126 -14.07 2.13 12.94
C LEU A 126 -13.72 0.97 13.83
N GLN A 127 -12.66 1.15 14.61
CA GLN A 127 -12.15 0.07 15.47
C GLN A 127 -11.70 0.61 16.83
N ILE A 129 -9.09 0.73 19.99
CA ILE A 129 -7.77 0.37 20.46
C ILE A 129 -7.95 -0.57 21.66
N GLU A 130 -7.26 -1.69 21.67
CA GLU A 130 -7.34 -2.63 22.79
C GLU A 130 -6.87 -2.00 24.11
N GLN A 131 -7.63 -2.24 25.17
CA GLN A 131 -7.36 -1.71 26.51
C GLN A 131 -7.23 -2.92 27.44
N GLN A 132 -6.07 -3.02 28.10
CA GLN A 132 -5.83 -4.18 28.96
C GLN A 132 -5.30 -3.78 30.33
N LYS A 133 -5.48 -4.69 31.28
CA LYS A 133 -4.90 -4.52 32.60
C LYS A 133 -3.60 -5.33 32.72
N ILE A 134 -2.65 -4.73 33.41
CA ILE A 134 -1.31 -5.30 33.59
C ILE A 134 -1.04 -5.37 35.08
N PRO A 135 -0.44 -6.49 35.54
CA PRO A 135 -0.42 -6.69 36.99
C PRO A 135 0.65 -5.93 37.77
N ASN A 136 1.74 -5.52 37.12
CA ASN A 136 2.84 -4.89 37.85
C ASN A 136 3.79 -4.22 36.88
N THR A 137 4.70 -3.43 37.39
CA THR A 137 5.59 -2.63 36.53
C THR A 137 6.56 -3.47 35.71
N VAL A 138 7.08 -4.55 36.29
CA VAL A 138 7.93 -5.43 35.51
C VAL A 138 7.19 -5.94 34.28
N ALA A 139 5.94 -6.36 34.45
CA ALA A 139 5.15 -6.83 33.33
C ALA A 139 4.85 -5.72 32.30
N LEU A 140 4.69 -4.52 32.81
CA LEU A 140 4.41 -3.37 31.96
C LEU A 140 5.62 -3.07 31.06
N PHE A 141 6.82 -3.15 31.63
CA PHE A 141 8.04 -2.83 30.87
C PHE A 141 8.37 -3.99 29.93
N ASP A 142 7.97 -5.20 30.29
CA ASP A 142 8.11 -6.32 29.35
C ASP A 142 7.19 -6.10 28.15
N LEU A 143 5.95 -5.71 28.41
CA LEU A 143 4.99 -5.39 27.35
C LEU A 143 5.52 -4.25 26.46
N LEU A 144 6.08 -3.22 27.09
CA LEU A 144 6.65 -2.10 26.32
C LEU A 144 7.68 -2.65 25.33
N ASN A 145 8.58 -3.51 25.83
CA ASN A 145 9.54 -4.13 24.92
C ASN A 145 8.93 -4.93 23.77
N LYS A 146 7.90 -5.73 24.07
CA LYS A 146 7.23 -6.48 23.01
C LYS A 146 6.72 -5.56 21.91
N VAL A 147 6.10 -4.48 22.34
CA VAL A 147 5.47 -3.54 21.40
C VAL A 147 6.56 -2.86 20.58
N VAL A 148 7.63 -2.40 21.24
CA VAL A 148 8.68 -1.67 20.51
C VAL A 148 9.50 -2.58 19.57
N GLY A 150 8.34 -5.00 18.05
CA GLY A 150 7.42 -5.20 16.95
C GLY A 150 7.14 -3.95 16.15
N LYS A 151 7.90 -2.90 16.41
CA LYS A 151 7.87 -1.64 15.65
C LYS A 151 6.69 -0.76 15.99
N GLY A 152 6.08 -1.03 17.15
CA GLY A 152 5.14 -0.09 17.73
C GLY A 152 5.84 1.04 18.47
N GLU A 153 5.08 2.08 18.78
N GLU A 153 5.09 2.08 18.82
CA GLU A 153 5.66 3.30 19.32
CA GLU A 153 5.66 3.31 19.32
C GLU A 153 5.92 3.21 20.82
C GLU A 153 5.87 3.32 20.84
N GLY A 154 4.97 2.66 21.56
CA GLY A 154 5.01 2.70 23.01
C GLY A 154 3.64 2.33 23.57
N LEU A 155 3.41 2.75 24.81
CA LEU A 155 2.13 2.46 25.49
C LEU A 155 1.49 3.73 26.02
N LEU A 157 -1.35 4.80 29.25
CA LEU A 157 -2.00 4.39 30.46
C LEU A 157 -3.14 5.39 30.78
N HIS A 158 -4.31 4.87 31.14
CA HIS A 158 -5.43 5.75 31.46
C HIS A 158 -6.15 5.19 32.68
N HIS A 159 -6.19 5.99 33.74
CA HIS A 159 -6.77 5.55 35.00
C HIS A 159 -8.25 5.18 34.82
N GLN A 160 -8.61 4.01 35.33
CA GLN A 160 -9.99 3.47 35.16
C GLN A 160 -11.07 4.39 35.72
N ASP A 161 -10.75 5.17 36.75
CA ASP A 161 -11.71 6.12 37.35
C ASP A 161 -11.67 7.54 36.82
N ALA A 162 -10.84 7.80 35.81
CA ALA A 162 -10.65 9.16 35.34
C ALA A 162 -11.90 9.72 34.68
N LEU A 163 -12.17 11.00 34.94
CA LEU A 163 -13.23 11.71 34.23
C LEU A 163 -12.59 12.59 33.15
N TYR A 164 -13.25 12.74 32.01
CA TYR A 164 -12.64 13.44 30.89
C TYR A 164 -12.41 14.91 31.22
N GLN A 165 -11.21 15.39 30.89
CA GLN A 165 -10.83 16.79 31.12
C GLN A 165 -10.22 17.33 29.84
N THR A 166 -10.60 18.57 29.47
CA THR A 166 -10.18 19.15 28.18
C THR A 166 -8.86 19.88 28.38
N LYS A 167 -7.85 19.13 28.81
CA LYS A 167 -6.55 19.72 29.09
C LYS A 167 -5.56 18.60 29.30
N ARG A 168 -4.34 18.93 29.75
CA ARG A 168 -3.39 17.88 30.13
C ARG A 168 -3.99 17.17 31.32
N SER A 169 -3.83 15.85 31.36
CA SER A 169 -4.35 15.07 32.46
C SER A 169 -3.28 14.13 33.07
N ARG A 170 -3.17 14.15 34.39
CA ARG A 170 -2.30 13.23 35.10
C ARG A 170 -2.81 11.77 35.08
N ASP A 171 -4.08 11.61 34.76
CA ASP A 171 -4.67 10.28 34.69
C ASP A 171 -4.42 9.61 33.35
N LEU A 172 -3.88 10.35 32.38
CA LEU A 172 -3.56 9.80 31.09
C LEU A 172 -2.07 10.00 30.86
N LYS A 174 1.77 8.86 28.84
CA LYS A 174 2.54 8.28 27.76
C LYS A 174 3.67 7.49 28.36
N LEU A 175 3.94 6.33 27.80
CA LEU A 175 5.11 5.54 28.20
C LEU A 175 5.89 5.12 26.96
N LYS A 176 7.05 5.73 26.77
CA LYS A 176 7.95 5.31 25.70
C LYS A 176 9.24 4.87 26.36
N LYS A 177 10.07 4.15 25.63
CA LYS A 177 11.34 3.72 26.19
C LYS A 177 12.24 4.86 26.56
N PHE A 178 12.16 5.93 25.79
CA PHE A 178 12.94 7.09 26.08
C PHE A 178 12.32 8.36 25.49
N GLU A 179 12.92 9.46 25.93
CA GLU A 179 12.64 10.82 25.51
C GLU A 179 13.93 11.40 24.88
N ASP A 180 13.77 12.27 23.90
N ASP A 180 13.78 12.38 24.04
CA ASP A 180 14.88 13.02 23.29
CA ASP A 180 14.94 13.06 23.46
C ASP A 180 14.65 14.53 23.54
C ASP A 180 14.65 14.55 23.43
N ALA A 181 15.72 15.32 23.58
CA ALA A 181 15.60 16.76 23.68
C ALA A 181 16.91 17.37 23.20
N GLU A 182 16.95 18.70 23.11
CA GLU A 182 18.15 19.40 22.65
C GLU A 182 18.89 20.17 23.74
N ALA A 183 20.19 20.31 23.53
CA ALA A 183 21.04 21.07 24.45
C ALA A 183 22.22 21.61 23.69
N THR A 184 22.89 22.60 24.27
CA THR A 184 24.06 23.20 23.65
C THR A 184 25.34 22.67 24.32
N VAL A 185 26.31 22.23 23.52
CA VAL A 185 27.57 21.78 24.06
C VAL A 185 28.33 23.00 24.58
N ILE A 186 28.77 22.98 25.85
CA ILE A 186 29.47 24.15 26.38
C ILE A 186 30.91 23.90 26.79
N ALA A 187 31.29 22.64 26.98
CA ALA A 187 32.67 22.31 27.35
C ALA A 187 32.94 20.84 27.13
N TYR A 188 34.23 20.52 27.04
CA TYR A 188 34.70 19.14 27.03
C TYR A 188 35.27 18.73 28.38
N LEU A 189 35.15 17.44 28.68
CA LEU A 189 35.78 16.84 29.84
C LEU A 189 36.74 15.79 29.30
N PRO A 190 38.05 16.09 29.28
CA PRO A 190 39.03 15.10 28.84
C PRO A 190 38.91 13.76 29.54
N GLY A 191 39.13 12.69 28.79
CA GLY A 191 38.97 11.36 29.31
C GLY A 191 40.14 10.81 30.11
N LYS A 192 39.95 9.62 30.66
CA LYS A 192 41.02 8.93 31.39
C LYS A 192 41.00 7.46 31.04
N GLY A 193 42.06 6.75 31.38
CA GLY A 193 42.13 5.33 31.09
C GLY A 193 42.09 5.06 29.59
N LYS A 194 41.11 4.26 29.15
CA LYS A 194 40.98 3.99 27.73
C LYS A 194 40.67 5.28 26.96
N TYR A 195 40.15 6.30 27.64
CA TYR A 195 39.85 7.57 26.98
C TYR A 195 40.87 8.70 27.25
N GLU A 196 42.04 8.33 27.78
CA GLU A 196 43.09 9.29 27.95
C GLU A 196 43.43 9.86 26.58
N GLY A 197 43.50 11.18 26.49
CA GLY A 197 43.83 11.82 25.23
C GLY A 197 42.66 11.95 24.28
N LEU A 198 41.49 11.51 24.75
CA LEU A 198 40.25 11.53 23.97
C LEU A 198 39.16 12.19 24.79
N LEU A 199 37.94 12.17 24.28
CA LEU A 199 36.83 12.80 24.95
C LEU A 199 36.31 11.85 26.01
N GLY A 200 36.22 12.30 27.25
CA GLY A 200 35.57 11.52 28.29
C GLY A 200 34.08 11.79 28.33
N ALA A 201 33.74 13.07 28.25
CA ALA A 201 32.35 13.49 28.32
C ALA A 201 32.23 14.89 27.83
N ILE A 202 30.99 15.32 27.61
CA ILE A 202 30.70 16.73 27.33
C ILE A 202 29.86 17.30 28.44
N LEU A 203 29.94 18.62 28.60
CA LEU A 203 28.99 19.33 29.41
C LEU A 203 28.04 20.06 28.45
N VAL A 204 26.75 19.94 28.71
CA VAL A 204 25.75 20.61 27.87
C VAL A 204 24.83 21.44 28.75
N LYS A 205 24.18 22.43 28.16
CA LYS A 205 23.15 23.18 28.84
C LYS A 205 21.87 23.08 28.02
N ASN A 206 20.82 22.56 28.64
CA ASN A 206 19.60 22.25 27.91
C ASN A 206 18.63 23.41 27.90
N GLU A 207 17.47 23.18 27.26
CA GLU A 207 16.55 24.27 27.04
C GLU A 207 15.81 24.68 28.33
N GLU A 208 15.94 23.90 29.39
CA GLU A 208 15.40 24.31 30.68
C GLU A 208 16.42 25.04 31.54
N GLY A 209 17.64 25.22 31.01
CA GLY A 209 18.69 25.94 31.71
C GLY A 209 19.52 25.09 32.66
N VAL A 210 19.42 23.76 32.51
CA VAL A 210 20.17 22.85 33.34
C VAL A 210 21.47 22.44 32.64
N THR A 211 22.59 22.57 33.34
CA THR A 211 23.88 22.13 32.85
C THR A 211 24.20 20.75 33.46
N PHE A 212 24.62 19.83 32.61
CA PHE A 212 24.92 18.46 33.06
C PHE A 212 25.87 17.76 32.14
N LYS A 213 26.44 16.68 32.66
CA LYS A 213 27.43 15.86 31.95
C LYS A 213 26.78 14.75 31.14
N ILE A 214 27.29 14.51 29.94
CA ILE A 214 26.94 13.37 29.12
C ILE A 214 28.21 12.63 28.75
N GLY A 215 28.34 11.40 29.25
CA GLY A 215 29.56 10.61 29.02
C GLY A 215 29.36 9.37 28.18
N SER A 216 28.10 9.09 27.82
CA SER A 216 27.78 7.87 27.06
C SER A 216 27.07 8.21 25.75
N GLY A 217 27.03 7.26 24.83
CA GLY A 217 26.37 7.43 23.55
C GLY A 217 27.32 7.87 22.44
N PHE A 218 28.63 7.91 22.71
CA PHE A 218 29.61 8.32 21.72
C PHE A 218 30.24 7.10 21.05
N SER A 219 30.40 7.18 19.73
CA SER A 219 31.14 6.16 19.02
C SER A 219 32.63 6.41 19.26
N ASP A 220 33.49 5.48 18.90
CA ASP A 220 34.90 5.76 19.11
C ASP A 220 35.37 6.90 18.23
N GLU A 221 34.78 7.07 17.06
CA GLU A 221 35.15 8.20 16.20
C GLU A 221 34.80 9.55 16.85
N GLU A 222 33.66 9.58 17.54
CA GLU A 222 33.23 10.78 18.26
C GLU A 222 34.10 11.06 19.49
N ARG A 223 34.75 10.04 20.05
CA ARG A 223 35.64 10.32 21.16
C ARG A 223 36.96 10.91 20.67
N SER A 224 37.28 10.65 19.40
CA SER A 224 38.46 11.26 18.77
C SER A 224 38.13 12.63 18.14
N THR A 225 36.93 12.78 17.60
CA THR A 225 36.49 14.03 16.97
C THR A 225 35.15 14.45 17.56
N PRO A 226 35.20 15.21 18.64
CA PRO A 226 33.98 15.52 19.39
C PRO A 226 33.08 16.55 18.71
N PRO A 227 31.83 16.61 19.16
CA PRO A 227 30.93 17.68 18.69
C PRO A 227 31.54 19.03 19.01
N PRO A 228 31.44 19.99 18.08
CA PRO A 228 31.99 21.32 18.36
C PRO A 228 31.35 21.95 19.58
N ILE A 229 32.13 22.69 20.36
CA ILE A 229 31.55 23.46 21.43
C ILE A 229 30.68 24.50 20.77
N GLY A 230 29.48 24.70 21.33
CA GLY A 230 28.51 25.63 20.79
C GLY A 230 27.44 24.96 19.97
N SER A 231 27.66 23.69 19.59
CA SER A 231 26.71 23.01 18.75
C SER A 231 25.44 22.64 19.53
N LEU A 232 24.34 22.58 18.80
CA LEU A 232 23.08 22.10 19.33
C LEU A 232 23.01 20.61 19.06
N ILE A 233 22.87 19.80 20.10
CA ILE A 233 22.86 18.36 19.99
C ILE A 233 21.57 17.84 20.54
N THR A 234 21.23 16.61 20.15
CA THR A 234 20.11 15.90 20.73
C THR A 234 20.65 14.85 21.69
N TYR A 235 20.03 14.79 22.86
CA TYR A 235 20.36 13.77 23.85
C TYR A 235 19.10 12.98 24.15
N ARG A 236 19.31 11.80 24.70
CA ARG A 236 18.26 10.85 25.01
C ARG A 236 18.27 10.65 26.51
N PHE A 237 17.09 10.46 27.11
CA PHE A 237 16.99 10.36 28.56
C PHE A 237 15.65 9.75 28.94
N THR A 238 15.45 9.52 30.22
CA THR A 238 14.09 9.19 30.66
C THR A 238 13.84 9.71 32.08
N GLY A 239 12.96 10.70 32.19
CA GLY A 239 12.68 11.32 33.47
C GLY A 239 13.79 12.22 33.99
N LYS A 240 13.66 12.66 35.23
CA LYS A 240 14.61 13.57 35.84
C LYS A 240 15.13 13.00 37.14
N THR A 241 16.35 13.41 37.48
CA THR A 241 16.92 13.00 38.74
C THR A 241 16.94 14.24 39.58
N ASN A 242 17.74 14.22 40.64
CA ASN A 242 17.84 15.40 41.50
C ASN A 242 18.25 16.59 40.67
N ASN A 243 17.82 17.76 41.10
CA ASN A 243 18.27 19.01 40.49
C ASN A 243 17.77 19.18 39.05
N ASN A 244 16.67 18.48 38.70
CA ASN A 244 16.07 18.54 37.37
C ASN A 244 17.03 18.14 36.24
N ILE A 245 17.94 17.22 36.54
CA ILE A 245 18.87 16.75 35.53
C ILE A 245 18.23 15.59 34.75
N PRO A 246 18.28 15.63 33.41
CA PRO A 246 17.76 14.46 32.67
C PRO A 246 18.47 13.17 33.09
N ARG A 247 17.66 12.15 33.34
CA ARG A 247 18.15 10.91 33.89
C ARG A 247 18.60 9.94 32.78
N PHE A 248 19.73 9.28 33.02
CA PHE A 248 20.31 8.31 32.08
C PHE A 248 20.55 8.95 30.72
N ALA A 249 21.06 10.17 30.73
CA ALA A 249 21.25 10.94 29.51
C ALA A 249 22.43 10.40 28.67
N SER A 250 22.21 10.32 27.37
CA SER A 250 23.23 9.87 26.45
C SER A 250 23.18 10.74 25.20
N PHE A 251 24.30 10.77 24.49
CA PHE A 251 24.44 11.55 23.27
C PHE A 251 23.77 10.84 22.12
N VAL A 252 22.98 11.58 21.35
CA VAL A 252 22.41 11.06 20.11
C VAL A 252 23.20 11.57 18.90
N ARG A 253 23.06 12.87 18.58
CA ARG A 253 23.66 13.40 17.37
C ARG A 253 23.63 14.92 17.35
N ILE A 254 24.49 15.49 16.52
CA ILE A 254 24.50 16.92 16.28
C ILE A 254 23.35 17.34 15.38
N ARG A 255 22.72 18.46 15.74
CA ARG A 255 21.66 19.06 14.93
C ARG A 255 22.10 20.30 14.18
N VAL A 256 22.75 21.22 14.90
CA VAL A 256 23.16 22.48 14.32
C VAL A 256 24.54 22.85 14.88
N ILE A 257 25.42 23.30 14.01
CA ILE A 257 26.70 23.88 14.50
C ILE A 257 26.58 25.39 14.65
N TYR A 258 26.93 25.90 15.81
CA TYR A 258 26.87 27.35 15.99
C TYR A 258 28.01 28.32 15.58
N ILE B 6 -20.25 -14.88 -21.10
CA ILE B 6 -19.11 -13.99 -21.28
C ILE B 6 -18.47 -14.13 -22.65
N GLN B 7 -18.00 -13.01 -23.19
CA GLN B 7 -17.36 -12.96 -24.51
C GLN B 7 -15.94 -13.51 -24.41
N LEU B 8 -15.64 -14.58 -25.12
CA LEU B 8 -14.27 -15.09 -25.19
C LEU B 8 -13.43 -14.16 -26.06
N ALA B 9 -12.15 -14.03 -25.73
CA ALA B 9 -11.27 -13.20 -26.56
C ALA B 9 -10.51 -14.09 -27.53
N THR B 10 -10.17 -13.54 -28.69
CA THR B 10 -9.31 -14.24 -29.62
C THR B 10 -7.93 -13.63 -29.51
N ASN B 11 -6.90 -14.38 -29.94
CA ASN B 11 -5.54 -13.85 -29.97
C ASN B 11 -5.48 -12.64 -30.91
N TYR B 12 -4.68 -11.63 -30.54
CA TYR B 12 -4.42 -10.50 -31.43
C TYR B 12 -3.69 -11.00 -32.68
N ARG B 13 -3.99 -10.38 -33.81
CA ARG B 13 -3.50 -10.81 -35.13
C ARG B 13 -2.71 -9.68 -35.78
N GLN B 14 -1.71 -10.05 -36.58
CA GLN B 14 -0.81 -9.07 -37.17
C GLN B 14 -1.54 -8.10 -38.08
N ASP B 15 -2.70 -8.50 -38.58
CA ASP B 15 -3.34 -7.78 -39.68
C ASP B 15 -4.15 -6.56 -39.26
N ILE B 16 -4.59 -6.51 -38.01
CA ILE B 16 -5.69 -5.61 -37.68
C ILE B 16 -5.26 -4.18 -37.43
N ASP B 17 -6.21 -3.28 -37.70
CA ASP B 17 -6.04 -1.85 -37.53
C ASP B 17 -6.43 -1.37 -36.13
N VAL B 18 -5.48 -1.39 -35.19
CA VAL B 18 -5.80 -0.98 -33.82
C VAL B 18 -6.37 0.44 -33.76
N THR B 19 -6.13 1.25 -34.78
CA THR B 19 -6.65 2.62 -34.81
C THR B 19 -8.10 2.72 -34.30
N GLN B 20 -8.90 1.66 -34.47
CA GLN B 20 -10.30 1.68 -34.05
C GLN B 20 -10.60 0.72 -32.88
N TYR B 21 -9.60 0.57 -32.02
CA TYR B 21 -9.71 -0.31 -30.86
C TYR B 21 -9.42 0.44 -29.57
N TYR B 22 -10.21 0.14 -28.56
CA TYR B 22 -9.91 0.60 -27.20
C TYR B 22 -9.03 -0.42 -26.52
N VAL B 23 -7.86 0.05 -26.07
CA VAL B 23 -6.87 -0.82 -25.47
C VAL B 23 -6.83 -0.63 -23.96
N SER B 24 -6.80 -1.73 -23.23
CA SER B 24 -6.71 -1.70 -21.78
C SER B 24 -5.73 -2.75 -21.28
N GLU B 25 -5.35 -2.64 -20.01
CA GLU B 25 -4.49 -3.66 -19.41
C GLU B 25 -5.27 -4.91 -19.02
N LYS B 26 -4.73 -6.09 -19.34
CA LYS B 26 -5.34 -7.35 -18.92
C LYS B 26 -5.00 -7.63 -17.48
N LEU B 27 -6.01 -7.58 -16.62
CA LEU B 27 -5.80 -7.71 -15.19
C LEU B 27 -5.96 -9.16 -14.75
N ASP B 28 -4.94 -9.67 -14.05
CA ASP B 28 -4.98 -11.04 -13.57
C ASP B 28 -5.69 -11.10 -12.22
N GLY B 29 -7.01 -11.22 -12.26
CA GLY B 29 -7.79 -11.28 -11.03
C GLY B 29 -8.84 -12.36 -11.09
N ILE B 30 -9.94 -12.13 -10.37
CA ILE B 30 -11.07 -13.05 -10.35
C ILE B 30 -12.27 -12.40 -11.05
N ARG B 31 -12.75 -13.02 -12.13
CA ARG B 31 -13.87 -12.44 -12.87
C ARG B 31 -15.13 -12.53 -12.05
N ALA B 32 -15.91 -11.45 -12.05
CA ALA B 32 -17.15 -11.45 -11.30
C ALA B 32 -18.23 -10.80 -12.14
N TYR B 33 -19.44 -11.31 -11.96
CA TYR B 33 -20.59 -10.74 -12.62
C TYR B 33 -21.48 -10.12 -11.57
N TRP B 34 -21.78 -8.84 -11.74
CA TRP B 34 -22.71 -8.14 -10.89
C TRP B 34 -24.07 -8.11 -11.58
N ASN B 35 -25.03 -8.77 -10.98
CA ASN B 35 -26.36 -8.88 -11.58
C ASN B 35 -27.30 -7.73 -11.23
N GLY B 36 -26.81 -6.78 -10.44
CA GLY B 36 -27.60 -5.63 -10.02
C GLY B 36 -27.75 -5.64 -8.51
N HIS B 37 -27.45 -6.78 -7.89
CA HIS B 37 -27.62 -6.92 -6.46
C HIS B 37 -26.52 -7.70 -5.77
N GLN B 38 -25.80 -8.54 -6.51
CA GLN B 38 -24.79 -9.41 -5.92
C GLN B 38 -23.69 -9.76 -6.91
N LEU B 39 -22.56 -10.23 -6.38
CA LEU B 39 -21.39 -10.61 -7.17
C LEU B 39 -21.34 -12.11 -7.33
N ILE B 40 -21.30 -12.56 -8.60
CA ILE B 40 -21.39 -13.97 -8.97
C ILE B 40 -20.15 -14.45 -9.72
N SER B 41 -19.61 -15.60 -9.31
CA SER B 41 -18.39 -16.15 -9.93
C SER B 41 -18.60 -16.76 -11.34
N LYS B 42 -17.49 -17.21 -11.93
CA LYS B 42 -17.51 -17.93 -13.21
C LYS B 42 -18.50 -19.09 -13.14
N GLN B 43 -18.39 -19.89 -12.07
CA GLN B 43 -19.24 -21.07 -11.90
C GLN B 43 -20.62 -20.76 -11.35
N GLY B 44 -20.93 -19.47 -11.17
CA GLY B 44 -22.26 -19.09 -10.73
C GLY B 44 -22.47 -19.15 -9.22
N ASN B 45 -21.39 -19.12 -8.45
CA ASN B 45 -21.53 -19.00 -7.00
C ASN B 45 -21.55 -17.52 -6.57
N ILE B 46 -22.21 -17.24 -5.45
CA ILE B 46 -22.30 -15.87 -4.96
C ILE B 46 -21.13 -15.58 -4.06
N PHE B 47 -20.39 -14.53 -4.41
CA PHE B 47 -19.28 -14.06 -3.59
C PHE B 47 -19.87 -13.41 -2.35
N THR B 48 -19.32 -13.79 -1.20
CA THR B 48 -19.76 -13.22 0.07
C THR B 48 -19.13 -11.85 0.27
N ALA B 49 -19.37 -10.95 -0.68
CA ALA B 49 -18.86 -9.59 -0.61
C ALA B 49 -19.54 -8.86 0.55
N PRO B 50 -18.75 -8.22 1.46
CA PRO B 50 -19.40 -7.47 2.53
C PRO B 50 -20.30 -6.33 2.06
N THR B 51 -21.28 -5.99 2.90
CA THR B 51 -22.26 -4.99 2.55
C THR B 51 -21.58 -3.65 2.30
N TRP B 52 -20.53 -3.33 3.08
CA TRP B 52 -19.78 -2.09 2.88
C TRP B 52 -18.87 -2.12 1.64
N PHE B 53 -18.67 -3.30 1.05
CA PHE B 53 -17.93 -3.40 -0.20
C PHE B 53 -18.82 -3.09 -1.40
N ILE B 54 -20.02 -3.66 -1.40
CA ILE B 54 -20.96 -3.43 -2.50
C ILE B 54 -21.91 -2.26 -2.26
N ALA B 55 -21.69 -1.52 -1.17
CA ALA B 55 -22.54 -0.38 -0.87
C ALA B 55 -22.62 0.59 -2.03
N SER B 56 -23.83 1.03 -2.32
CA SER B 56 -24.08 2.06 -3.33
C SER B 56 -23.98 1.55 -4.76
N PHE B 57 -23.62 0.28 -4.94
CA PHE B 57 -23.47 -0.24 -6.29
C PHE B 57 -24.76 -0.04 -7.05
N PRO B 58 -24.65 0.38 -8.32
CA PRO B 58 -25.85 0.65 -9.11
C PRO B 58 -26.58 -0.64 -9.41
N THR B 59 -27.79 -0.48 -9.88
CA THR B 59 -28.65 -1.61 -10.06
C THR B 59 -28.38 -2.28 -11.43
N THR B 60 -27.60 -1.60 -12.26
CA THR B 60 -27.23 -2.10 -13.59
C THR B 60 -26.31 -3.32 -13.57
N ALA B 61 -26.39 -4.14 -14.61
CA ALA B 61 -25.53 -5.31 -14.67
C ALA B 61 -24.14 -4.88 -15.10
N ASP B 63 -19.92 -6.40 -15.81
CA ASP B 63 -18.84 -7.38 -15.89
C ASP B 63 -17.55 -6.79 -15.37
N GLY B 64 -16.87 -7.49 -14.48
CA GLY B 64 -15.60 -6.97 -14.02
C GLY B 64 -14.65 -7.99 -13.45
N GLU B 65 -13.46 -7.48 -13.09
CA GLU B 65 -12.44 -8.25 -12.46
C GLU B 65 -12.22 -7.77 -11.01
N LEU B 66 -12.37 -8.68 -10.06
CA LEU B 66 -11.94 -8.40 -8.68
C LEU B 66 -10.43 -8.50 -8.68
N TRP B 67 -9.79 -7.42 -8.27
CA TRP B 67 -8.36 -7.26 -8.47
C TRP B 67 -7.79 -6.32 -7.42
N ILE B 68 -6.61 -6.65 -6.90
CA ILE B 68 -5.94 -5.77 -5.92
C ILE B 68 -4.89 -4.90 -6.60
N ALA B 69 -3.98 -5.55 -7.33
CA ALA B 69 -2.85 -4.90 -8.02
C ALA B 69 -2.16 -5.95 -8.85
N ARG B 70 -1.19 -5.55 -9.65
CA ARG B 70 -0.35 -6.51 -10.36
C ARG B 70 0.31 -7.48 -9.39
N GLN B 71 0.47 -8.71 -9.84
CA GLN B 71 1.16 -9.73 -9.05
C GLN B 71 0.47 -10.05 -7.73
N GLN B 72 -0.85 -9.94 -7.69
CA GLN B 72 -1.58 -10.29 -6.48
C GLN B 72 -2.75 -11.21 -6.77
N PHE B 73 -2.57 -12.11 -7.73
CA PHE B 73 -3.66 -13.01 -8.06
C PHE B 73 -3.98 -13.98 -6.91
N GLU B 74 -2.96 -14.61 -6.34
CA GLU B 74 -3.21 -15.57 -5.27
C GLU B 74 -3.84 -14.89 -4.06
N THR B 75 -3.40 -13.66 -3.79
CA THR B 75 -3.97 -12.89 -2.70
C THR B 75 -5.46 -12.67 -2.95
N VAL B 76 -5.81 -12.10 -4.10
CA VAL B 76 -7.21 -11.77 -4.35
C VAL B 76 -8.07 -13.04 -4.43
N SER B 77 -7.48 -14.10 -4.99
CA SER B 77 -8.15 -15.39 -5.07
C SER B 77 -8.49 -15.90 -3.68
N GLY B 78 -7.52 -15.87 -2.78
CA GLY B 78 -7.77 -16.31 -1.40
C GLY B 78 -8.92 -15.56 -0.72
N ILE B 79 -8.92 -14.24 -0.86
CA ILE B 79 -9.94 -13.42 -0.20
C ILE B 79 -11.31 -13.71 -0.81
N ALA B 80 -11.38 -13.61 -2.13
CA ALA B 80 -12.65 -13.70 -2.82
C ALA B 80 -13.31 -15.04 -2.60
N ARG B 81 -12.51 -16.09 -2.44
CA ARG B 81 -13.04 -17.45 -2.29
C ARG B 81 -13.36 -17.77 -0.82
N THR B 82 -12.94 -16.89 0.08
CA THR B 82 -13.26 -17.07 1.47
C THR B 82 -14.75 -16.85 1.68
N GLN B 83 -15.41 -17.80 2.33
CA GLN B 83 -16.84 -17.67 2.67
C GLN B 83 -17.00 -16.97 4.03
N ASP B 84 -17.02 -15.65 4.00
CA ASP B 84 -17.27 -14.85 5.19
C ASP B 84 -17.62 -13.43 4.74
N ASN B 85 -18.89 -13.08 4.84
CA ASN B 85 -19.34 -11.76 4.41
C ASN B 85 -18.95 -10.62 5.39
N GLN B 86 -18.13 -10.92 6.39
CA GLN B 86 -17.62 -9.91 7.31
C GLN B 86 -16.12 -9.69 7.13
N ASN B 87 -15.55 -10.32 6.10
CA ASN B 87 -14.12 -10.33 5.85
C ASN B 87 -13.57 -8.98 5.46
N GLU B 88 -12.84 -8.37 6.38
CA GLU B 88 -12.33 -7.02 6.14
C GLU B 88 -11.25 -6.94 5.06
N GLN B 89 -10.68 -8.07 4.68
CA GLN B 89 -9.66 -8.08 3.64
C GLN B 89 -10.24 -7.67 2.29
N TRP B 90 -11.57 -7.68 2.16
CA TRP B 90 -12.19 -7.13 0.97
C TRP B 90 -11.83 -5.64 0.74
N LYS B 91 -11.40 -4.91 1.77
CA LYS B 91 -11.01 -3.50 1.59
C LYS B 91 -9.82 -3.35 0.62
N GLN B 92 -9.12 -4.45 0.36
CA GLN B 92 -7.96 -4.44 -0.55
C GLN B 92 -8.37 -4.58 -2.02
N ILE B 93 -9.60 -5.03 -2.24
CA ILE B 93 -10.05 -5.40 -3.57
C ILE B 93 -10.79 -4.27 -4.26
N LYS B 94 -10.66 -4.18 -5.57
CA LYS B 94 -11.52 -3.34 -6.38
C LYS B 94 -12.24 -4.21 -7.39
N PHE B 95 -13.51 -3.90 -7.64
CA PHE B 95 -14.27 -4.48 -8.76
C PHE B 95 -14.00 -3.58 -9.94
N ILE B 97 -14.37 -2.74 -13.57
CA ILE B 97 -15.33 -3.11 -14.61
C ILE B 97 -14.81 -2.84 -16.01
N PHE B 98 -15.28 -3.65 -16.95
CA PHE B 98 -14.85 -3.55 -18.32
C PHE B 98 -15.98 -3.71 -19.33
N ASP B 99 -17.15 -4.20 -18.91
CA ASP B 99 -18.33 -4.14 -19.80
C ASP B 99 -19.67 -4.04 -19.09
N LEU B 100 -20.65 -3.53 -19.85
CA LEU B 100 -22.05 -3.41 -19.42
C LEU B 100 -22.84 -4.35 -20.30
N PRO B 101 -23.00 -5.59 -19.85
CA PRO B 101 -23.52 -6.70 -20.66
C PRO B 101 -24.96 -6.57 -21.11
N LYS B 102 -25.83 -5.94 -20.31
CA LYS B 102 -27.23 -5.80 -20.70
C LYS B 102 -27.46 -4.55 -21.54
N SER B 103 -26.40 -3.81 -21.83
CA SER B 103 -26.56 -2.67 -22.70
C SER B 103 -26.63 -3.16 -24.15
N THR B 104 -27.41 -2.44 -24.94
CA THR B 104 -27.71 -2.85 -26.30
C THR B 104 -26.90 -1.99 -27.23
N VAL B 105 -26.04 -1.16 -26.65
CA VAL B 105 -25.33 -0.14 -27.42
C VAL B 105 -23.91 -0.62 -27.72
N SER B 106 -23.13 0.22 -28.43
CA SER B 106 -21.74 -0.09 -28.78
C SER B 106 -20.75 0.23 -27.68
N PHE B 107 -19.57 -0.39 -27.78
CA PHE B 107 -18.58 -0.34 -26.71
C PHE B 107 -18.06 1.07 -26.47
N GLU B 108 -17.91 1.84 -27.55
CA GLU B 108 -17.46 3.22 -27.42
C GLU B 108 -18.36 4.01 -26.45
N GLN B 109 -19.68 3.90 -26.64
CA GLN B 109 -20.61 4.58 -25.74
C GLN B 109 -20.78 3.80 -24.43
N ARG B 110 -20.52 2.49 -24.47
CA ARG B 110 -20.55 1.68 -23.25
C ARG B 110 -19.50 2.16 -22.26
N ILE B 111 -18.32 2.51 -22.77
CA ILE B 111 -17.29 3.11 -21.93
C ILE B 111 -17.83 4.39 -21.26
N ASN B 112 -18.44 5.26 -22.05
CA ASN B 112 -19.02 6.50 -21.56
C ASN B 112 -20.01 6.24 -20.42
N LYS B 113 -20.85 5.22 -20.60
CA LYS B 113 -21.81 4.83 -19.58
C LYS B 113 -21.15 4.33 -18.30
N GLN B 115 -18.22 5.14 -17.23
CA GLN B 115 -17.56 6.24 -16.55
C GLN B 115 -18.55 6.92 -15.63
N THR B 116 -19.76 7.16 -16.12
CA THR B 116 -20.72 7.91 -15.33
C THR B 116 -21.24 7.03 -14.18
N LEU B 117 -21.33 5.72 -14.39
CA LEU B 117 -21.75 4.83 -13.29
C LEU B 117 -20.72 4.85 -12.16
N VAL B 118 -19.45 4.84 -12.52
CA VAL B 118 -18.36 4.89 -11.55
C VAL B 118 -18.41 6.22 -10.78
N THR B 119 -18.57 7.32 -11.50
CA THR B 119 -18.65 8.62 -10.83
C THR B 119 -19.87 8.70 -9.94
N ASP B 120 -21.03 8.33 -10.46
CA ASP B 120 -22.25 8.44 -9.69
C ASP B 120 -22.21 7.56 -8.44
N THR B 121 -21.38 6.53 -8.45
CA THR B 121 -21.43 5.56 -7.38
C THR B 121 -20.55 5.98 -6.22
N ASN B 122 -19.40 6.57 -6.52
CA ASN B 122 -18.55 7.10 -5.46
C ASN B 122 -18.30 6.05 -4.42
N SER B 123 -17.90 4.87 -4.88
CA SER B 123 -17.40 3.86 -4.00
C SER B 123 -15.94 3.66 -4.35
N PRO B 124 -15.08 3.50 -3.34
CA PRO B 124 -13.69 3.18 -3.68
C PRO B 124 -13.58 1.77 -4.29
N TYR B 125 -14.65 0.98 -4.25
CA TYR B 125 -14.58 -0.44 -4.60
C TYR B 125 -15.11 -0.71 -5.98
N LEU B 126 -15.67 0.33 -6.60
CA LEU B 126 -16.12 0.29 -7.99
C LEU B 126 -15.34 1.28 -8.86
N GLN B 127 -14.52 0.75 -9.77
CA GLN B 127 -13.72 1.56 -10.65
C GLN B 127 -13.78 0.93 -12.06
N ILE B 129 -11.71 -0.18 -15.64
CA ILE B 129 -10.40 -0.40 -16.24
C ILE B 129 -10.18 0.69 -17.28
N GLU B 130 -9.01 1.31 -17.26
CA GLU B 130 -8.78 2.40 -18.18
C GLU B 130 -8.81 1.90 -19.61
N GLN B 131 -9.38 2.71 -20.49
CA GLN B 131 -9.51 2.36 -21.91
C GLN B 131 -8.92 3.50 -22.73
N GLN B 132 -8.03 3.19 -23.67
CA GLN B 132 -7.42 4.24 -24.46
C GLN B 132 -7.31 3.83 -25.93
N LYS B 133 -7.26 4.82 -26.82
CA LYS B 133 -7.01 4.53 -28.24
C LYS B 133 -5.52 4.59 -28.48
N ILE B 134 -5.08 3.81 -29.46
CA ILE B 134 -3.68 3.71 -29.79
C ILE B 134 -3.54 4.01 -31.30
N PRO B 135 -2.53 4.81 -31.67
CA PRO B 135 -2.42 5.33 -33.04
C PRO B 135 -1.93 4.31 -34.05
N ASN B 136 -0.94 3.50 -33.67
CA ASN B 136 -0.28 2.60 -34.59
C ASN B 136 0.20 1.33 -33.88
N THR B 137 0.56 0.32 -34.68
CA THR B 137 0.98 -0.97 -34.15
C THR B 137 2.21 -0.89 -33.24
N VAL B 138 3.21 -0.11 -33.65
CA VAL B 138 4.43 0.00 -32.83
C VAL B 138 4.15 0.66 -31.47
N ALA B 139 3.17 1.56 -31.43
CA ALA B 139 2.75 2.18 -30.17
C ALA B 139 2.11 1.13 -29.29
N LEU B 140 1.30 0.28 -29.92
CA LEU B 140 0.61 -0.77 -29.19
C LEU B 140 1.61 -1.70 -28.52
N PHE B 141 2.65 -2.12 -29.24
CA PHE B 141 3.62 -3.03 -28.63
C PHE B 141 4.48 -2.33 -27.62
N ASP B 142 4.66 -1.02 -27.80
CA ASP B 142 5.36 -0.25 -26.81
C ASP B 142 4.55 -0.24 -25.51
N LEU B 143 3.24 -0.09 -25.65
CA LEU B 143 2.37 -0.08 -24.48
C LEU B 143 2.39 -1.44 -23.82
N LEU B 144 2.48 -2.49 -24.63
CA LEU B 144 2.55 -3.84 -24.09
C LEU B 144 3.85 -3.96 -23.34
N ASN B 145 4.91 -3.43 -23.92
CA ASN B 145 6.18 -3.52 -23.24
C ASN B 145 6.17 -2.76 -21.91
N LYS B 146 5.61 -1.56 -21.90
CA LYS B 146 5.57 -0.75 -20.68
C LYS B 146 4.75 -1.45 -19.58
N VAL B 147 3.63 -2.05 -19.96
CA VAL B 147 2.83 -2.82 -19.00
C VAL B 147 3.62 -4.01 -18.46
N VAL B 148 4.28 -4.75 -19.35
CA VAL B 148 4.95 -5.95 -18.91
C VAL B 148 6.17 -5.56 -18.07
N GLY B 150 6.26 -3.18 -16.14
CA GLY B 150 5.71 -2.83 -14.84
C GLY B 150 5.09 -4.02 -14.13
N LYS B 151 5.31 -5.22 -14.69
CA LYS B 151 4.86 -6.49 -14.10
C LYS B 151 3.38 -6.79 -14.31
N GLY B 152 2.81 -6.23 -15.38
CA GLY B 152 1.45 -6.56 -15.76
C GLY B 152 1.42 -7.71 -16.77
N GLU B 153 0.21 -8.19 -17.08
CA GLU B 153 0.05 -9.45 -17.81
C GLU B 153 -0.08 -9.32 -19.32
N GLY B 154 -0.48 -8.15 -19.78
CA GLY B 154 -0.68 -7.97 -21.22
C GLY B 154 -1.80 -6.97 -21.42
N LEU B 155 -2.37 -6.98 -22.62
CA LEU B 155 -3.31 -5.96 -23.00
C LEU B 155 -4.52 -6.56 -23.61
N LEU B 157 -7.93 -5.56 -26.34
CA LEU B 157 -8.43 -4.68 -27.38
C LEU B 157 -9.87 -5.02 -27.59
N HIS B 158 -10.68 -3.96 -27.61
CA HIS B 158 -12.11 -4.08 -27.73
C HIS B 158 -12.51 -3.04 -28.77
N HIS B 159 -13.08 -3.54 -29.86
CA HIS B 159 -13.48 -2.72 -30.99
C HIS B 159 -14.49 -1.61 -30.63
N GLN B 160 -14.16 -0.38 -31.03
CA GLN B 160 -15.03 0.78 -30.83
C GLN B 160 -16.52 0.53 -31.06
N ASP B 161 -16.86 -0.14 -32.16
CA ASP B 161 -18.25 -0.25 -32.59
C ASP B 161 -18.90 -1.59 -32.21
N ALA B 162 -18.16 -2.44 -31.53
CA ALA B 162 -18.66 -3.76 -31.18
C ALA B 162 -19.94 -3.67 -30.38
N LEU B 163 -20.90 -4.51 -30.72
CA LEU B 163 -22.08 -4.72 -29.90
C LEU B 163 -21.81 -5.93 -29.02
N TYR B 164 -22.32 -5.90 -27.80
CA TYR B 164 -22.05 -6.99 -26.86
C TYR B 164 -22.48 -8.34 -27.43
N GLN B 165 -21.71 -9.39 -27.13
CA GLN B 165 -21.98 -10.72 -27.70
C GLN B 165 -21.26 -11.84 -26.96
N THR B 166 -22.01 -12.63 -26.20
CA THR B 166 -21.42 -13.66 -25.36
C THR B 166 -20.80 -14.76 -26.19
N SER B 169 -13.36 -12.90 -30.74
CA SER B 169 -14.00 -13.20 -32.02
C SER B 169 -13.95 -11.95 -32.91
N ARG B 170 -12.72 -11.47 -33.14
CA ARG B 170 -12.45 -10.24 -33.91
C ARG B 170 -12.67 -8.97 -33.08
N ASP B 171 -13.83 -8.90 -32.45
CA ASP B 171 -14.22 -7.70 -31.73
C ASP B 171 -13.45 -7.55 -30.40
N LEU B 172 -13.04 -8.68 -29.83
CA LEU B 172 -12.33 -8.69 -28.54
C LEU B 172 -11.10 -9.58 -28.65
N LYS B 174 -6.99 -10.55 -27.13
CA LYS B 174 -5.97 -10.47 -26.11
C LYS B 174 -4.58 -10.37 -26.73
N LEU B 175 -3.74 -9.57 -26.11
CA LEU B 175 -2.33 -9.52 -26.49
C LEU B 175 -1.56 -9.74 -25.20
N LYS B 176 -1.21 -11.00 -24.95
CA LYS B 176 -0.51 -11.35 -23.72
C LYS B 176 0.97 -11.01 -23.86
N LYS B 177 1.63 -10.94 -22.71
CA LYS B 177 3.08 -10.77 -22.67
C LYS B 177 3.76 -11.89 -23.45
N PHE B 178 4.94 -11.59 -23.96
CA PHE B 178 5.73 -12.57 -24.68
C PHE B 178 6.20 -13.64 -23.74
N GLU B 179 6.46 -14.80 -24.30
CA GLU B 179 6.85 -15.96 -23.55
C GLU B 179 7.96 -16.62 -24.37
N ASP B 180 8.91 -17.27 -23.72
CA ASP B 180 10.04 -17.91 -24.41
C ASP B 180 9.74 -19.38 -24.60
N ALA B 181 10.25 -19.95 -25.69
CA ALA B 181 10.18 -21.39 -25.91
C ALA B 181 11.40 -21.85 -26.71
N GLU B 182 11.58 -23.15 -26.83
N GLU B 182 11.57 -23.15 -26.82
CA GLU B 182 12.74 -23.71 -27.53
CA GLU B 182 12.73 -23.70 -27.52
C GLU B 182 12.36 -24.45 -28.80
C GLU B 182 12.34 -24.45 -28.80
N ALA B 183 13.27 -24.51 -29.74
CA ALA B 183 13.05 -25.23 -30.99
C ALA B 183 14.39 -25.56 -31.60
N THR B 184 14.37 -26.46 -32.59
CA THR B 184 15.58 -26.92 -33.25
C THR B 184 15.59 -26.44 -34.69
N VAL B 185 16.74 -25.88 -35.08
CA VAL B 185 16.89 -25.35 -36.45
C VAL B 185 17.01 -26.51 -37.44
N ILE B 186 16.13 -26.52 -38.45
CA ILE B 186 16.16 -27.61 -39.44
C ILE B 186 16.46 -27.19 -40.89
N ALA B 187 16.27 -25.92 -41.22
CA ALA B 187 16.55 -25.45 -42.57
C ALA B 187 16.57 -23.94 -42.57
N TYR B 188 16.88 -23.36 -43.73
CA TYR B 188 16.90 -21.91 -43.91
C TYR B 188 16.00 -21.44 -45.06
N LEU B 189 15.57 -20.19 -44.97
CA LEU B 189 14.91 -19.49 -46.07
C LEU B 189 15.77 -18.32 -46.45
N PRO B 190 16.12 -18.20 -47.75
CA PRO B 190 16.97 -17.08 -48.20
C PRO B 190 16.31 -15.75 -48.05
N GLY B 191 17.18 -14.76 -47.86
CA GLY B 191 16.79 -13.39 -47.79
C GLY B 191 16.62 -12.75 -49.15
N LYS B 192 15.86 -11.66 -49.06
CA LYS B 192 15.65 -10.74 -50.16
C LYS B 192 15.97 -9.31 -49.72
N GLY B 193 16.05 -8.42 -50.69
CA GLY B 193 16.23 -7.00 -50.42
C GLY B 193 17.35 -6.69 -49.45
N LYS B 194 16.96 -6.11 -48.32
CA LYS B 194 17.87 -5.80 -47.23
C LYS B 194 18.76 -6.99 -46.96
N TYR B 195 18.18 -8.18 -47.07
CA TYR B 195 18.83 -9.43 -46.69
C TYR B 195 19.21 -10.30 -47.91
N GLU B 196 19.28 -9.65 -49.07
CA GLU B 196 19.65 -10.35 -50.28
C GLU B 196 21.05 -10.94 -50.08
N GLY B 197 21.16 -12.23 -50.36
CA GLY B 197 22.43 -12.91 -50.17
C GLY B 197 22.69 -13.25 -48.73
N LEU B 198 21.72 -12.97 -47.86
CA LEU B 198 21.84 -13.24 -46.42
C LEU B 198 20.67 -14.11 -45.92
N LEU B 199 20.65 -14.40 -44.63
CA LEU B 199 19.58 -15.19 -44.08
C LEU B 199 18.24 -14.42 -44.08
N GLY B 200 17.20 -15.05 -44.62
CA GLY B 200 15.84 -14.55 -44.49
C GLY B 200 15.14 -14.95 -43.20
N ALA B 201 15.04 -16.25 -42.98
CA ALA B 201 14.49 -16.82 -41.77
C ALA B 201 15.12 -18.18 -41.53
N ILE B 202 15.11 -18.60 -40.28
CA ILE B 202 15.36 -20.00 -39.97
C ILE B 202 14.02 -20.73 -39.93
N LEU B 203 14.04 -22.00 -40.34
CA LEU B 203 12.92 -22.90 -40.15
C LEU B 203 13.27 -23.81 -38.99
N VAL B 204 12.35 -23.94 -38.04
CA VAL B 204 12.57 -24.66 -36.80
C VAL B 204 11.42 -25.59 -36.55
N LYS B 205 11.67 -26.57 -35.71
CA LYS B 205 10.59 -27.44 -35.25
C LYS B 205 10.62 -27.38 -33.74
N ASN B 206 9.49 -27.07 -33.12
CA ASN B 206 9.52 -26.87 -31.67
C ASN B 206 9.12 -28.17 -30.94
N GLU B 207 9.00 -28.06 -29.62
CA GLU B 207 8.74 -29.22 -28.78
C GLU B 207 7.31 -29.78 -28.98
N GLU B 208 6.39 -28.94 -29.41
CA GLU B 208 5.03 -29.39 -29.73
C GLU B 208 4.91 -30.09 -31.10
N GLY B 209 6.01 -30.15 -31.85
CA GLY B 209 6.03 -30.75 -33.18
C GLY B 209 5.60 -29.85 -34.33
N VAL B 210 5.53 -28.55 -34.05
CA VAL B 210 5.16 -27.57 -35.05
C VAL B 210 6.39 -27.03 -35.77
N THR B 211 6.29 -26.90 -37.09
CA THR B 211 7.41 -26.37 -37.88
C THR B 211 7.00 -25.00 -38.39
N PHE B 212 7.86 -24.00 -38.20
CA PHE B 212 7.53 -22.65 -38.60
C PHE B 212 8.79 -21.82 -38.83
N LYS B 213 8.65 -20.64 -39.42
CA LYS B 213 9.81 -19.79 -39.69
C LYS B 213 9.96 -18.69 -38.64
N ILE B 214 11.20 -18.28 -38.43
CA ILE B 214 11.53 -17.17 -37.55
C ILE B 214 12.43 -16.26 -38.36
N GLY B 215 11.89 -15.09 -38.68
CA GLY B 215 12.55 -14.17 -39.58
C GLY B 215 13.06 -12.88 -38.95
N SER B 216 12.92 -12.73 -37.64
CA SER B 216 13.40 -11.52 -37.00
C SER B 216 14.07 -11.85 -35.67
N GLY B 217 14.81 -10.88 -35.13
CA GLY B 217 15.53 -11.03 -33.89
C GLY B 217 17.00 -11.30 -34.08
N PHE B 218 17.48 -11.25 -35.33
CA PHE B 218 18.87 -11.55 -35.64
C PHE B 218 19.77 -10.34 -35.69
N SER B 219 21.02 -10.53 -35.27
CA SER B 219 22.05 -9.53 -35.46
C SER B 219 22.50 -9.53 -36.92
N ASP B 220 23.27 -8.51 -37.29
CA ASP B 220 23.87 -8.46 -38.62
C ASP B 220 24.73 -9.69 -38.87
N GLU B 221 25.54 -10.10 -37.89
CA GLU B 221 26.44 -11.24 -38.08
C GLU B 221 25.65 -12.53 -38.21
N GLU B 222 24.51 -12.62 -37.53
CA GLU B 222 23.70 -13.82 -37.60
C GLU B 222 23.02 -13.95 -38.97
N ARG B 223 22.80 -12.82 -39.65
CA ARG B 223 22.26 -12.83 -41.00
C ARG B 223 23.28 -13.37 -42.00
N SER B 224 24.55 -13.09 -41.75
CA SER B 224 25.60 -13.56 -42.65
C SER B 224 26.15 -14.92 -42.20
N THR B 225 26.06 -15.23 -40.91
CA THR B 225 26.39 -16.55 -40.41
C THR B 225 25.27 -17.05 -39.48
N PRO B 226 24.25 -17.70 -40.07
CA PRO B 226 23.05 -18.07 -39.31
C PRO B 226 23.27 -19.12 -38.23
N PRO B 227 22.29 -19.23 -37.32
CA PRO B 227 22.31 -20.34 -36.37
C PRO B 227 22.50 -21.62 -37.14
N PRO B 228 23.47 -22.44 -36.75
CA PRO B 228 23.75 -23.68 -37.47
C PRO B 228 22.55 -24.64 -37.55
N ILE B 229 22.44 -25.38 -38.66
CA ILE B 229 21.45 -26.46 -38.72
C ILE B 229 21.74 -27.39 -37.54
N GLY B 230 20.67 -27.79 -36.85
CA GLY B 230 20.79 -28.64 -35.69
C GLY B 230 20.81 -27.91 -34.37
N SER B 231 21.00 -26.60 -34.42
N SER B 231 21.00 -26.59 -34.44
CA SER B 231 21.17 -25.88 -33.16
CA SER B 231 21.10 -25.78 -33.22
C SER B 231 19.83 -25.80 -32.41
C SER B 231 19.81 -25.84 -32.42
N LEU B 232 19.95 -25.83 -31.08
CA LEU B 232 18.83 -25.59 -30.20
C LEU B 232 18.77 -24.09 -29.96
N ILE B 233 17.60 -23.49 -30.17
CA ILE B 233 17.41 -22.04 -30.01
C ILE B 233 16.24 -21.72 -29.10
N THR B 234 16.26 -20.52 -28.50
CA THR B 234 15.12 -19.97 -27.80
C THR B 234 14.50 -18.88 -28.68
N TYR B 235 13.17 -18.90 -28.79
CA TYR B 235 12.47 -17.83 -29.45
C TYR B 235 11.42 -17.26 -28.52
N ARG B 236 10.94 -16.06 -28.80
CA ARG B 236 9.82 -15.51 -28.04
C ARG B 236 8.63 -15.35 -28.95
N PHE B 237 7.43 -15.37 -28.36
CA PHE B 237 6.19 -15.32 -29.11
C PHE B 237 5.04 -14.88 -28.20
N THR B 238 3.92 -14.51 -28.80
CA THR B 238 2.73 -14.31 -27.98
C THR B 238 1.49 -14.75 -28.76
N GLY B 239 0.83 -15.77 -28.23
CA GLY B 239 -0.36 -16.32 -28.84
C GLY B 239 0.00 -17.36 -29.89
N LYS B 240 -0.95 -18.22 -30.21
CA LYS B 240 -0.77 -19.23 -31.25
C LYS B 240 -1.91 -19.18 -32.26
N THR B 241 -1.63 -19.59 -33.51
CA THR B 241 -2.68 -19.65 -34.53
C THR B 241 -3.50 -20.92 -34.32
N ASN B 242 -4.54 -21.11 -35.13
CA ASN B 242 -5.34 -22.35 -35.04
C ASN B 242 -4.53 -23.60 -35.44
N ASN B 243 -3.45 -23.39 -36.17
CA ASN B 243 -2.49 -24.46 -36.48
C ASN B 243 -1.35 -24.61 -35.42
N ASN B 244 -1.52 -23.96 -34.28
N ASN B 244 -1.51 -23.92 -34.29
CA ASN B 244 -0.55 -24.05 -33.19
CA ASN B 244 -0.58 -24.01 -33.19
C ASN B 244 0.78 -23.39 -33.53
C ASN B 244 0.78 -23.39 -33.53
N ILE B 245 0.77 -22.48 -34.50
CA ILE B 245 1.98 -21.77 -34.87
C ILE B 245 2.13 -20.58 -33.95
N PRO B 246 3.31 -20.45 -33.33
CA PRO B 246 3.51 -19.26 -32.47
C PRO B 246 3.45 -17.99 -33.28
N ARG B 247 2.74 -17.00 -32.75
CA ARG B 247 2.58 -15.71 -33.38
C ARG B 247 3.65 -14.73 -32.90
N PHE B 248 4.00 -13.80 -33.78
CA PHE B 248 5.02 -12.79 -33.46
C PHE B 248 6.32 -13.42 -32.99
N ALA B 249 6.71 -14.52 -33.60
CA ALA B 249 7.92 -15.22 -33.15
C ALA B 249 9.16 -14.44 -33.54
N SER B 250 10.09 -14.34 -32.60
CA SER B 250 11.36 -13.69 -32.86
C SER B 250 12.46 -14.50 -32.16
N PHE B 251 13.66 -14.52 -32.75
CA PHE B 251 14.79 -15.25 -32.24
C PHE B 251 15.33 -14.57 -30.99
N VAL B 252 15.65 -15.36 -29.97
CA VAL B 252 16.24 -14.82 -28.75
C VAL B 252 17.73 -15.12 -28.68
N ARG B 253 18.11 -16.39 -28.74
CA ARG B 253 19.49 -16.79 -28.59
C ARG B 253 19.66 -18.28 -28.95
N ILE B 254 20.88 -18.66 -29.26
CA ILE B 254 21.25 -20.07 -29.37
C ILE B 254 21.49 -20.63 -27.97
N ARG B 255 21.05 -21.85 -27.73
CA ARG B 255 21.17 -22.47 -26.43
C ARG B 255 22.33 -23.45 -26.40
N VAL B 256 22.86 -23.66 -25.20
CA VAL B 256 24.12 -24.38 -24.98
C VAL B 256 25.27 -23.57 -25.57
#